data_1NJO
#
_entry.id   1NJO
#
_cell.length_a   169.9
_cell.length_b   410.4
_cell.length_c   697.1
_cell.angle_alpha   90
_cell.angle_beta   90
_cell.angle_gamma   90
#
_symmetry.space_group_name_H-M   'I 2 2 2'
#
loop_
_entity.id
_entity.type
_entity.pdbx_description
1 polymer '23S ribosomal RNA'
2 polymer 'RNA ACC(Puromycin)'
#
loop_
_entity_poly.entity_id
_entity_poly.type
_entity_poly.pdbx_seq_one_letter_code
_entity_poly.pdbx_strand_id
1 'polyribonucleotide'
;GGUCAAGAUAGUAAGGGUCCACGGUGGAUGCCCUGGCGCUGGAGCCGAUGAAGGACGCGAUUACCUGCGAAAAGCCCCGA
CGAGCUGGAGAUACGCUUUGACUCGGGGAUGUCCGAAUGGGGAAACCCACCUCGUAAGAGGUAUCCGCAAGGAUGGGAAC
UCAGGGAACUGAAACAUCUCAGUACCUGAAGGAGAAGAAAGAGAAUUCGAUUCCGUUAGUAGCGGCGAGCGAACCCGGAU
CAGCCCAAACCGAAACGCUUGCGUUUCGGGGUUGUAGGACCAGUUUUUAAGAUUCAACCCCUCAAGCCGAAGUGGCUGGA
AAGCUACACCUCAGAAGGUGAGAGUCCUGUAGGCGAACGAGCGGUUGACUGUACUGGCACCUGAGUAGGUCGUUGUUCGU
GAAACGAUGACUGAAUCCGCGCGGACCACCGCGCAAGGCUAAAUACUCCCAGUGACCGAUAGCGCAUAGUACCGUGAGGG
AAAGGUGAAAAGAACCCCGGGAGGGGAGUGAAAGAGAACCUGAAACCGUGGACUUACAAGCAGUCAUGGCACCUUAUGCG
UGUUAUGGCGUGCCUAUUGAAGCAUGAGCCGGCGACUUAGACCUGACGUGCGAGCUUAAGUUGAAAAACGGAGGCGGAGC
GAAAGCGAGUCCGAAUAGGGCGGCAUUAGUACGUCGGGCUAGACUCGAAACCAGGUGAGCUAAGCAUGACCAGGUUGAAA
CCCCCGUGACAGGGGGCGGAGGACCGAACCGGUGCCUGCUGAAACAGUCUCGGAUGAGUUGUGUUUAGGAGUGAAAAGCU
AACCGAACCUGGAGAUAGCUAGUUCUCCCCGAAAUGUAUUGAGGUACAGCCUCGGAUGUUGACCAUGUCCUGUAGAGCAC
UCACAAGGCUAGGGGGCCUACCAGCUUACCAAACCUUAUGAAACUCCGAAGGGGCACGCGUUUAGUCCGGGAGUGAGGCU
GCGAGAGCUAACUUCCGUAGCCGAGAGGGAAACAACCCAGACCAUCAGCUAAGGUCCCUAAAUGAUCGCUCAGUGGUUAA
GGAUGUGUCGUCGCAUAGACAGCCAGGAGGUUGGCUUAGAAGCAGCCACCCUUCAAAGAGUGCGUAAUAGCUCACUGGUC
GAGUGACGAUGCGCCGAAAAUGAUCGGGGCUCAAGUGAUCUACCGAAGCUAUGGAUUCAACUCGCGAAGCGAGUUGUCUG
GUAGGGGAGCGUUCAGUCCGCGGAGAAGCCAUACCGGAAGGAGUGGUGGAGCCGACUGAAGUGCGGAUGCCGGCAUGAGU
AACGAUAAAAGAAGUGAGAAUCUUCUUCGCCGUAAGGACAAGGGUUCCUGGGGAAGGGUCGUCCGCCCAGGGAAAGUCGG
GACCUAAGGUGAGGCCGAACGGCGCAGCCGAUGGACAGCAGGUCAAGAUUCCUGCACCGAUCAUGUGGAGUGAUGGAGGG
ACGCAUUACGCUAUCCAAUGCCAAGCUAUGGCUAUGCUGGUUGGUACGCUCAAGGGCGAUCGGGUCAGAAAAUCUACCGG
UCACAUGCCUCAGACGUAUCGGGAGCUUCCUCGGAAGCGAAGUUGGAAACGCGACGGUGCCAAGAAAAGCUUCUAAACGU
UGAAACAUGAUUGCCCGUACCGCAAACCGACACAGGUGUCCGAGUGUCAAUGCACUAAGGCGCGCGAGAGAACCCUCGUU
AAGGAACUUUGCAAUCUCACCCCGUAACUUCGGAAGAAGGGGUCCCCACGCUUCGCGUGGGGCGCAGUGAAUAGGCCCAG
GCGACUGUUUACCAAAAUCACAGCACUCUGCCAACACGAACAGUGGACGUAUAGGGUGUGACGCCUGCCCGGUGCCGGAA
GGUCAAGUGGAGCGGUGCAAGCUGCGAAAUGAAGCCCCGGUGAACGGCGGCCGUAACUAUAACGGUCCUAAGGUAGCGAA
AUUCCUUGUCGGGUAAGUUCCGACCUGCACGAAAGGCGUAACGAUCUGGGCGCUGUCUCAACGAGGGACUCGGUGAAAUU
GAAUUGGCUGUAAAGAUGCGGCCUACCCGUAGCAGGACGAAAAGACCCCGUGGAGCUUUACUAUAGUCUGGCAUUGGGAU
UCGGGUUUCUCUGCGUAGGAUAGGUGGGAGCCUGCGAAACUGGCCUUUUGGGGUCGGUGGAGGCAACGGUGAAAUACCAC
CCUGAGAAACUUGGAUUUCUAACCUGAAAAAUCACUUUCGGGGACCGUGCUUGGCGGGUAGUUUGACUGGGGCGGUCGCC
UCCCAAAAUGUAACGGAGGCGCCCAAAGGUCACCUCAAGACGGUUGGAAAUCGUCUGUAGAGCGCAAAGGUAGAAGGUGG
CUUGACUGCGAGACUGACACGUCGAGCAGGGAGGAAACUCGGGCUUAGUGAACCGGUGGUACCGUGUGGAAGGGCCAUCG
AUCAACGGAUAAAAGUUACCCCGGGGAUAACAGGCUGAUCUCCCCCGAGAGUCCAUAUCGGCGGGGAGGUUUGGCACCUC
GAUGUCGGCUCGUCGCAUCCUGGGGCUGAAGAAGGUCCCAAGGGUUGGGCUGUUCGCCCAUUAAAGCGGCACGCGAGCUG
GGUUCAGAACGUCGUGAGACAGUUCGGUCUCUAUCCGCUACGGGCGCAGGAGAAUUGAGGGGAGUUGCUCCUAGUACGAG
AGGACCGGAGUGAACGGACCGCUGGUCUCCCUGCUGUCGUACCAACGGCACAUGCAGGGUAGCUAUGUCCGGAACGGAUA
ACCGCUGAAAGCAUCUAAGCGGGAAGCCAGCCCCAAGAUGAGUUCUCCCACUGUUUAUCAGGUAAGACUCCCGGAAGACC
ACCGGGUUAAGAGGCCAGGCGUGCACGCAUAGCAAUGUGUUCAGCGGACUGGUGCUCAUCAGUCGAGGUCUUGACCACUC
;
0
2 'polyribonucleotide' ACC(PPU) 5
#
loop_
_chem_comp.id
_chem_comp.type
_chem_comp.name
_chem_comp.formula
A RNA linking ADENOSINE-5'-MONOPHOSPHATE 'C10 H14 N5 O7 P'
C RNA linking CYTIDINE-5'-MONOPHOSPHATE 'C9 H14 N3 O8 P'
G RNA linking GUANOSINE-5'-MONOPHOSPHATE 'C10 H14 N5 O8 P'
PPU RNA linking PUROMYCIN-5'-MONOPHOSPHATE 'C22 H30 N7 O8 P'
U RNA linking URIDINE-5'-MONOPHOSPHATE 'C9 H13 N2 O9 P'
#
# COMPACT_ATOMS: atom_id res chain seq x y z
P PPU B 4 -3.81 3.76 -5.31
OP1 PPU B 4 -2.72 4.64 -5.79
OP2 PPU B 4 -4.58 2.96 -6.31
N PPU B 4 1.22 -0.75 -0.28
CA PPU B 4 0.00 0.00 0.00
C PPU B 4 -1.01 0.14 -1.12
O PPU B 4 -0.74 -0.18 -2.27
CB PPU B 4 0.36 1.40 0.52
CG PPU B 4 1.35 1.44 1.64
CD1 PPU B 4 0.94 1.20 2.99
CD2 PPU B 4 2.73 1.72 1.40
CE1 PPU B 4 1.86 1.23 4.05
CE2 PPU B 4 3.68 1.76 2.44
CZ PPU B 4 3.26 1.51 3.79
OC PPU B 4 4.24 1.56 4.81
CM PPU B 4 4.00 1.37 6.04
O5' PPU B 4 -3.22 2.73 -4.23
C5' PPU B 4 -2.88 3.16 -2.89
C4' PPU B 4 -3.72 2.42 -1.86
O4' PPU B 4 -5.14 2.53 -2.19
C3' PPU B 4 -3.48 0.92 -1.71
N3' PPU B 4 -2.45 0.75 -0.74
C2' PPU B 4 -4.82 0.39 -1.22
O2' PPU B 4 -4.93 0.37 0.20
C1' PPU B 4 -5.83 1.35 -1.82
N9 PPU B 4 -6.55 0.82 -3.01
C8 PPU B 4 -6.28 0.96 -4.35
N7 PPU B 4 -7.13 0.35 -5.14
C5 PPU B 4 -8.03 -0.24 -4.26
C6 PPU B 4 -9.22 -1.05 -4.44
N6 PPU B 4 -9.74 -1.45 -5.66
C9 PPU B 4 -9.21 -1.12 -6.98
C10 PPU B 4 -10.94 -2.27 -5.76
N1 PPU B 4 -9.89 -1.46 -3.30
C2 PPU B 4 -9.42 -1.10 -2.08
C4 PPU B 4 -7.69 0.05 -2.94
N3 PPU B 4 -8.33 -0.36 -1.79
#